data_3W71
#
_entry.id   3W71
#
_cell.length_a   68.108
_cell.length_b   71.810
_cell.length_c   129.181
_cell.angle_alpha   90.000
_cell.angle_beta   90.000
_cell.angle_gamma   90.000
#
_symmetry.space_group_name_H-M   'P 21 21 21'
#
loop_
_entity.id
_entity.type
_entity.pdbx_description
1 polymer 'Dihydroorotate dehydrogenase (fumarate)'
2 non-polymer '2,6-dioxo-5-[2-(4-phenylphenyl)ethyl]-1,2,3,6- tetrahydropyrimidine-4-carboxylic acid'
3 non-polymer GLYCEROL
4 non-polymer 'FLAVIN MONONUCLEOTIDE'
5 non-polymer 'COBALT HEXAMMINE(III)'
6 water water
#
_entity_poly.entity_id   1
_entity_poly.type   'polypeptide(L)'
_entity_poly.pdbx_seq_one_letter_code
;MCLKLNLLDHVFANPFMNAAGVLCSTEEDLRCMTASSSGALVSKSCTSAPRDGNPEPRYMAFPLGSINSMGLPNLGFDFY
LKYASDLHDYSKKPLFLSISGLSVEENVAMVRRLAPVAQEKGVLLELNLSCPNVPGKPQVAYDFEAMRTYLQQVSLAYGL
PFGVKMPPYFDIAHFDTAAAVLNEFPLVKFVTCVNSVGNGLVIDAESESVVIKPKQGFGGLGGKYILPTALANVNAFYRR
CPDKLVFGCGGVYSGEDAFLHILAGASMVQVGTALQEEGPGIFTRLEDELLEIMARKGYRTLEEFRGRVKTIE
;
_entity_poly.pdbx_strand_id   A,B
#
# COMPACT_ATOMS: atom_id res chain seq x y z
N MET A 1 13.63 -9.14 -33.55
CA MET A 1 13.17 -8.62 -32.18
C MET A 1 11.74 -8.10 -32.22
N CYS A 2 10.86 -8.61 -31.37
CA CYS A 2 9.44 -8.15 -31.46
C CYS A 2 8.64 -8.24 -30.18
N LEU A 3 7.69 -7.31 -30.11
CA LEU A 3 6.86 -7.19 -28.92
C LEU A 3 5.54 -7.89 -29.06
N LYS A 4 5.33 -8.63 -30.16
CA LYS A 4 4.01 -9.28 -30.42
C LYS A 4 3.66 -10.29 -29.40
N LEU A 5 2.36 -10.44 -29.16
CA LEU A 5 1.85 -11.43 -28.27
C LEU A 5 0.60 -11.98 -28.89
N ASN A 6 0.29 -13.24 -28.60
CA ASN A 6 -0.96 -13.88 -29.05
C ASN A 6 -1.47 -14.50 -27.82
N LEU A 7 -2.58 -13.99 -27.32
CA LEU A 7 -3.18 -14.56 -26.16
C LEU A 7 -4.67 -14.38 -26.19
N LEU A 8 -5.39 -15.20 -25.41
CA LEU A 8 -6.84 -15.14 -25.41
C LEU A 8 -7.49 -15.18 -26.80
N ASP A 9 -6.86 -15.86 -27.75
CA ASP A 9 -7.32 -15.97 -29.14
C ASP A 9 -7.36 -14.61 -29.85
N HIS A 10 -6.49 -13.69 -29.39
CA HIS A 10 -6.25 -12.45 -30.10
C HIS A 10 -4.80 -12.21 -30.35
N VAL A 11 -4.52 -11.28 -31.26
CA VAL A 11 -3.14 -10.91 -31.58
C VAL A 11 -2.92 -9.48 -31.14
N PHE A 12 -1.79 -9.21 -30.50
CA PHE A 12 -1.43 -7.91 -29.97
C PHE A 12 -0.13 -7.44 -30.52
N ALA A 13 -0.04 -6.23 -31.07
CA ALA A 13 1.22 -5.78 -31.64
C ALA A 13 2.30 -5.63 -30.58
N ASN A 14 1.87 -5.28 -29.36
CA ASN A 14 2.75 -5.06 -28.23
C ASN A 14 1.93 -5.22 -26.94
N PRO A 15 2.59 -5.26 -25.79
CA PRO A 15 1.83 -5.54 -24.56
C PRO A 15 1.18 -4.35 -23.94
N PHE A 16 1.33 -3.17 -24.46
CA PHE A 16 0.84 -1.94 -23.71
C PHE A 16 -0.59 -1.63 -24.01
N MET A 17 -1.31 -1.17 -22.97
CA MET A 17 -2.63 -0.69 -23.09
C MET A 17 -2.86 0.36 -22.00
N ASN A 18 -3.95 1.15 -22.17
CA ASN A 18 -4.39 1.97 -21.04
C ASN A 18 -4.82 1.17 -19.84
N ALA A 19 -4.67 1.69 -18.63
CA ALA A 19 -5.41 1.20 -17.50
C ALA A 19 -6.88 1.66 -17.51
N ALA A 20 -7.79 0.86 -17.01
CA ALA A 20 -9.15 1.24 -17.05
C ALA A 20 -9.31 2.56 -16.29
N GLY A 21 -10.15 3.44 -16.83
CA GLY A 21 -10.41 4.70 -16.24
C GLY A 21 -9.63 5.81 -16.91
N VAL A 22 -8.48 5.49 -17.47
CA VAL A 22 -7.63 6.55 -18.09
C VAL A 22 -7.88 6.54 -19.57
N LEU A 23 -8.26 7.71 -20.10
CA LEU A 23 -8.43 7.90 -21.54
C LEU A 23 -9.30 6.89 -22.23
N CYS A 24 -10.47 6.73 -21.63
CA CYS A 24 -11.37 5.71 -22.09
C CYS A 24 -12.80 5.88 -21.76
N SER A 25 -13.24 7.08 -21.41
CA SER A 25 -14.63 7.29 -20.98
C SER A 25 -15.59 7.65 -22.08
N THR A 26 -15.15 8.42 -23.04
CA THR A 26 -16.01 8.86 -24.15
C THR A 26 -15.60 8.24 -25.46
N GLU A 27 -16.40 8.43 -26.52
CA GLU A 27 -16.10 7.95 -27.86
C GLU A 27 -14.81 8.61 -28.31
N GLU A 28 -14.68 9.90 -27.98
CA GLU A 28 -13.48 10.60 -28.36
C GLU A 28 -12.23 9.88 -27.76
N ASP A 29 -12.33 9.59 -26.47
CA ASP A 29 -11.21 8.93 -25.73
C ASP A 29 -10.89 7.59 -26.42
N LEU A 30 -11.93 6.79 -26.68
CA LEU A 30 -11.69 5.43 -27.20
C LEU A 30 -11.11 5.51 -28.60
N ARG A 31 -11.54 6.46 -29.45
CA ARG A 31 -10.98 6.68 -30.78
C ARG A 31 -9.52 7.08 -30.61
N CYS A 32 -9.17 7.91 -29.62
CA CYS A 32 -7.82 8.32 -29.38
C CYS A 32 -6.92 7.14 -29.01
N MET A 33 -7.40 6.34 -28.07
CA MET A 33 -6.64 5.15 -27.72
C MET A 33 -6.51 4.20 -28.88
N THR A 34 -7.56 4.04 -29.68
CA THR A 34 -7.46 3.20 -30.90
C THR A 34 -6.39 3.73 -31.92
N ALA A 35 -6.32 5.04 -32.10
CA ALA A 35 -5.32 5.66 -32.96
C ALA A 35 -3.89 5.61 -32.48
N SER A 36 -3.72 5.38 -31.18
CA SER A 36 -2.40 5.35 -30.56
C SER A 36 -1.63 4.03 -30.89
N SER A 37 -0.36 4.00 -30.53
CA SER A 37 0.45 2.81 -30.77
C SER A 37 0.24 1.75 -29.74
N SER A 38 -0.74 1.90 -28.83
CA SER A 38 -0.94 0.80 -27.90
C SER A 38 -1.31 -0.51 -28.56
N GLY A 39 -1.01 -1.62 -27.89
CA GLY A 39 -1.42 -2.89 -28.42
C GLY A 39 -2.89 -3.28 -28.19
N ALA A 40 -3.53 -2.64 -27.25
CA ALA A 40 -4.98 -2.80 -26.97
C ALA A 40 -5.51 -1.59 -26.23
N LEU A 41 -6.82 -1.61 -25.92
CA LEU A 41 -7.43 -0.63 -25.08
C LEU A 41 -8.53 -1.25 -24.28
N VAL A 42 -8.79 -0.62 -23.14
CA VAL A 42 -9.88 -1.00 -22.21
C VAL A 42 -10.82 0.20 -21.99
N SER A 43 -12.15 -0.02 -21.94
CA SER A 43 -13.07 1.07 -21.68
C SER A 43 -13.16 1.37 -20.17
N LYS A 44 -13.66 2.55 -19.81
CA LYS A 44 -13.97 2.94 -18.44
C LYS A 44 -14.93 1.94 -17.82
N SER A 45 -14.62 1.52 -16.60
CA SER A 45 -15.51 0.64 -15.81
C SER A 45 -16.86 1.30 -15.84
N CYS A 46 -17.88 0.50 -16.18
CA CYS A 46 -19.21 1.10 -16.36
C CYS A 46 -20.27 0.44 -15.43
N THR A 47 -21.33 1.22 -15.33
CA THR A 47 -22.54 0.78 -14.57
C THR A 47 -23.70 0.72 -15.54
N SER A 48 -24.81 0.10 -15.14
CA SER A 48 -25.94 0.09 -16.00
C SER A 48 -26.43 1.45 -16.39
N ALA A 49 -26.52 2.36 -15.45
CA ALA A 49 -26.98 3.73 -15.74
C ALA A 49 -25.76 4.66 -15.85
N PRO A 50 -25.86 5.71 -16.66
CA PRO A 50 -24.79 6.70 -16.61
C PRO A 50 -24.62 7.29 -15.20
N ARG A 51 -23.38 7.75 -14.91
CA ARG A 51 -23.02 8.37 -13.66
C ARG A 51 -22.18 9.57 -13.90
N ASP A 52 -22.48 10.63 -13.11
CA ASP A 52 -21.66 11.87 -13.14
C ASP A 52 -20.38 11.73 -12.31
N GLY A 53 -20.40 10.82 -11.37
CA GLY A 53 -19.28 10.64 -10.47
C GLY A 53 -19.24 11.65 -9.36
N ASN A 54 -18.11 11.66 -8.66
CA ASN A 54 -17.97 12.53 -7.48
C ASN A 54 -17.68 14.00 -7.79
N PRO A 55 -17.93 14.88 -6.81
CA PRO A 55 -17.51 16.25 -7.00
C PRO A 55 -16.04 16.50 -7.26
N GLU A 56 -15.74 17.51 -8.02
CA GLU A 56 -14.39 17.90 -8.34
C GLU A 56 -13.86 18.88 -7.30
N PRO A 57 -12.54 18.92 -7.09
CA PRO A 57 -11.51 18.13 -7.75
C PRO A 57 -11.48 16.70 -7.24
N ARG A 58 -11.26 15.76 -8.15
CA ARG A 58 -11.37 14.35 -7.79
C ARG A 58 -10.16 13.54 -8.29
N TYR A 59 -9.26 14.18 -8.98
CA TYR A 59 -7.99 13.62 -9.43
C TYR A 59 -6.94 14.65 -9.32
N MET A 60 -5.77 14.26 -8.80
CA MET A 60 -4.60 15.15 -8.79
C MET A 60 -3.35 14.32 -8.98
N ALA A 61 -2.39 14.87 -9.70
CA ALA A 61 -1.13 14.21 -9.90
C ALA A 61 0.05 15.05 -9.47
N PHE A 62 1.10 14.34 -9.10
CA PHE A 62 2.32 14.94 -8.51
C PHE A 62 3.53 14.14 -9.00
N PRO A 63 4.77 14.59 -8.70
CA PRO A 63 5.93 13.89 -9.22
C PRO A 63 5.98 12.38 -8.99
N LEU A 64 5.46 11.93 -7.84
CA LEU A 64 5.58 10.50 -7.50
C LEU A 64 4.29 9.74 -7.79
N GLY A 65 3.25 10.39 -8.32
CA GLY A 65 1.99 9.65 -8.66
C GLY A 65 0.77 10.43 -8.60
N SER A 66 -0.38 9.74 -8.40
CA SER A 66 -1.65 10.39 -8.44
C SER A 66 -2.54 9.85 -7.28
N ILE A 67 -3.57 10.62 -7.02
CA ILE A 67 -4.63 10.25 -6.12
C ILE A 67 -5.95 10.55 -6.78
N ASN A 68 -6.93 9.66 -6.61
CA ASN A 68 -8.21 9.84 -7.22
C ASN A 68 -9.36 9.30 -6.38
N SER A 69 -10.49 9.96 -6.47
CA SER A 69 -11.77 9.44 -6.04
C SER A 69 -12.79 9.88 -7.09
N MET A 70 -12.69 9.28 -8.26
CA MET A 70 -13.54 9.71 -9.38
C MET A 70 -15.02 9.35 -9.09
N GLY A 71 -15.27 8.22 -8.42
CA GLY A 71 -16.68 7.84 -8.21
C GLY A 71 -17.39 7.20 -9.40
N LEU A 72 -16.64 6.52 -10.27
CA LEU A 72 -17.17 5.84 -11.41
C LEU A 72 -18.05 6.71 -12.32
N PRO A 73 -17.54 7.88 -12.69
CA PRO A 73 -18.24 8.60 -13.77
C PRO A 73 -18.18 7.81 -15.07
N ASN A 74 -19.29 7.62 -15.79
CA ASN A 74 -19.21 6.85 -17.04
C ASN A 74 -20.50 7.05 -17.81
N LEU A 75 -20.49 6.68 -19.09
CA LEU A 75 -21.58 7.01 -20.01
C LEU A 75 -22.66 5.93 -19.93
N GLY A 76 -22.47 4.91 -19.10
CA GLY A 76 -23.50 3.83 -18.95
C GLY A 76 -23.17 2.68 -19.86
N PHE A 77 -23.56 1.47 -19.50
CA PHE A 77 -23.29 0.26 -20.20
C PHE A 77 -23.73 0.28 -21.65
N ASP A 78 -24.92 0.82 -21.93
CA ASP A 78 -25.41 0.76 -23.29
C ASP A 78 -24.43 1.47 -24.23
N PHE A 79 -23.85 2.59 -23.79
CA PHE A 79 -22.83 3.30 -24.60
C PHE A 79 -21.63 2.38 -24.89
N TYR A 80 -21.02 1.80 -23.87
CA TYR A 80 -19.86 0.96 -24.06
C TYR A 80 -20.14 -0.32 -24.90
N LEU A 81 -21.34 -0.88 -24.72
CA LEU A 81 -21.75 -2.02 -25.54
C LEU A 81 -21.88 -1.63 -26.99
N LYS A 82 -22.45 -0.45 -27.27
CA LYS A 82 -22.57 0.05 -28.65
C LYS A 82 -21.21 0.31 -29.26
N TYR A 83 -20.30 0.84 -28.44
CA TYR A 83 -18.94 1.07 -28.94
C TYR A 83 -18.34 -0.29 -29.41
N ALA A 84 -18.53 -1.31 -28.58
CA ALA A 84 -17.96 -2.63 -28.82
C ALA A 84 -18.65 -3.30 -30.01
N SER A 85 -19.92 -3.08 -30.15
CA SER A 85 -20.69 -3.87 -31.11
C SER A 85 -20.66 -3.15 -32.49
N ASP A 86 -20.61 -1.82 -32.54
CA ASP A 86 -20.84 -1.06 -33.77
C ASP A 86 -19.72 -0.11 -34.14
N LEU A 87 -18.94 0.38 -33.17
CA LEU A 87 -18.02 1.48 -33.46
C LEU A 87 -16.56 1.13 -33.50
N HIS A 88 -16.11 0.24 -32.62
CA HIS A 88 -14.72 -0.13 -32.57
C HIS A 88 -14.22 -0.87 -33.83
N ASP A 89 -13.00 -0.49 -34.29
CA ASP A 89 -12.33 -1.12 -35.41
C ASP A 89 -11.40 -2.18 -34.85
N TYR A 90 -11.89 -3.40 -34.82
CA TYR A 90 -11.14 -4.54 -34.39
C TYR A 90 -9.93 -4.90 -35.29
N SER A 91 -9.89 -4.36 -36.49
CA SER A 91 -8.68 -4.54 -37.29
C SER A 91 -7.52 -3.65 -36.76
N LYS A 92 -7.78 -2.65 -35.91
CA LYS A 92 -6.70 -1.88 -35.37
C LYS A 92 -6.02 -2.55 -34.15
N LYS A 93 -6.85 -2.99 -33.20
CA LYS A 93 -6.39 -3.65 -32.04
C LYS A 93 -7.58 -4.26 -31.25
N PRO A 94 -7.28 -5.12 -30.28
CA PRO A 94 -8.32 -5.66 -29.48
C PRO A 94 -8.87 -4.71 -28.48
N LEU A 95 -10.10 -4.97 -28.06
CA LEU A 95 -10.80 -4.18 -27.09
C LEU A 95 -11.22 -5.00 -25.91
N PHE A 96 -10.93 -4.46 -24.74
CA PHE A 96 -11.48 -4.92 -23.46
C PHE A 96 -12.57 -3.95 -22.99
N LEU A 97 -13.65 -4.50 -22.36
CA LEU A 97 -14.70 -3.72 -21.81
C LEU A 97 -14.71 -4.02 -20.32
N SER A 98 -14.57 -2.98 -19.50
CA SER A 98 -14.52 -3.15 -18.05
C SER A 98 -15.87 -2.83 -17.45
N ILE A 99 -16.36 -3.69 -16.58
CA ILE A 99 -17.59 -3.47 -15.87
C ILE A 99 -17.40 -3.35 -14.37
N SER A 100 -18.17 -2.49 -13.75
CA SER A 100 -18.12 -2.35 -12.31
C SER A 100 -19.48 -2.02 -11.72
N GLY A 101 -20.40 -2.97 -11.87
CA GLY A 101 -21.72 -2.84 -11.22
C GLY A 101 -21.62 -2.72 -9.70
N LEU A 102 -22.63 -2.08 -9.13
CA LEU A 102 -22.66 -1.79 -7.69
C LEU A 102 -23.34 -2.93 -6.86
N SER A 103 -23.78 -3.96 -7.57
CA SER A 103 -24.30 -5.16 -6.94
C SER A 103 -24.02 -6.33 -7.86
N VAL A 104 -24.09 -7.54 -7.32
CA VAL A 104 -23.92 -8.69 -8.15
C VAL A 104 -25.02 -8.75 -9.26
N GLU A 105 -26.31 -8.39 -8.97
CA GLU A 105 -27.32 -8.42 -9.99
C GLU A 105 -27.06 -7.43 -11.15
N GLU A 106 -26.51 -6.26 -10.82
CA GLU A 106 -26.16 -5.26 -11.89
C GLU A 106 -25.07 -5.88 -12.82
N ASN A 107 -24.07 -6.50 -12.24
CA ASN A 107 -22.99 -7.12 -13.10
C ASN A 107 -23.57 -8.24 -13.94
N VAL A 108 -24.44 -9.09 -13.34
CA VAL A 108 -25.07 -10.18 -14.06
C VAL A 108 -25.92 -9.67 -15.29
N ALA A 109 -26.66 -8.61 -15.11
CA ALA A 109 -27.43 -8.06 -16.17
C ALA A 109 -26.62 -7.53 -17.33
N MET A 110 -25.51 -6.86 -16.98
CA MET A 110 -24.59 -6.35 -18.02
C MET A 110 -23.91 -7.53 -18.72
N VAL A 111 -23.35 -8.51 -18.01
CA VAL A 111 -22.62 -9.58 -18.73
C VAL A 111 -23.58 -10.48 -19.61
N ARG A 112 -24.82 -10.59 -19.19
CA ARG A 112 -25.81 -11.30 -20.04
C ARG A 112 -25.93 -10.68 -21.39
N ARG A 113 -25.92 -9.34 -21.46
CA ARG A 113 -26.06 -8.64 -22.70
C ARG A 113 -24.76 -8.43 -23.47
N LEU A 114 -23.64 -8.48 -22.73
CA LEU A 114 -22.31 -8.47 -23.34
C LEU A 114 -21.96 -9.75 -24.10
N ALA A 115 -22.42 -10.88 -23.57
CA ALA A 115 -22.04 -12.17 -24.13
C ALA A 115 -22.14 -12.28 -25.64
N PRO A 116 -23.29 -12.00 -26.21
CA PRO A 116 -23.35 -12.21 -27.67
C PRO A 116 -22.41 -11.32 -28.53
N VAL A 117 -22.11 -10.13 -28.03
CA VAL A 117 -21.19 -9.23 -28.65
C VAL A 117 -19.76 -9.74 -28.47
N ALA A 118 -19.46 -10.31 -27.30
CA ALA A 118 -18.18 -10.92 -27.05
C ALA A 118 -17.98 -12.06 -27.97
N GLN A 119 -18.99 -12.91 -28.11
CA GLN A 119 -18.87 -14.05 -29.04
C GLN A 119 -18.76 -13.64 -30.52
N GLU A 120 -19.55 -12.67 -31.00
CA GLU A 120 -19.52 -12.25 -32.35
C GLU A 120 -18.38 -11.31 -32.77
N LYS A 121 -18.00 -10.38 -31.90
CA LYS A 121 -17.00 -9.34 -32.27
C LYS A 121 -15.64 -9.58 -31.56
N GLY A 122 -15.61 -10.35 -30.49
CA GLY A 122 -14.35 -10.67 -29.80
C GLY A 122 -13.95 -9.67 -28.68
N VAL A 123 -14.85 -8.75 -28.33
CA VAL A 123 -14.58 -7.94 -27.13
C VAL A 123 -14.34 -8.77 -25.92
N LEU A 124 -13.38 -8.37 -25.10
CA LEU A 124 -13.00 -9.09 -23.92
C LEU A 124 -13.46 -8.47 -22.58
N LEU A 125 -14.05 -9.22 -21.70
CA LEU A 125 -14.55 -8.66 -20.48
C LEU A 125 -13.50 -8.61 -19.35
N GLU A 126 -13.37 -7.43 -18.73
CA GLU A 126 -12.54 -7.23 -17.49
C GLU A 126 -13.57 -6.85 -16.38
N LEU A 127 -13.75 -7.71 -15.42
CA LEU A 127 -14.65 -7.45 -14.32
C LEU A 127 -13.87 -6.79 -13.16
N ASN A 128 -14.27 -5.59 -12.78
CA ASN A 128 -13.60 -4.88 -11.74
C ASN A 128 -14.13 -5.30 -10.36
N LEU A 129 -13.26 -6.01 -9.61
CA LEU A 129 -13.61 -6.49 -8.30
C LEU A 129 -13.24 -5.53 -7.22
N SER A 130 -12.59 -4.41 -7.56
CA SER A 130 -12.05 -3.51 -6.55
C SER A 130 -12.86 -2.40 -6.61
N CYS A 131 -14.02 -2.59 -6.04
CA CYS A 131 -15.13 -1.86 -6.27
C CYS A 131 -16.20 -2.05 -5.09
N PRO A 132 -16.86 -0.96 -4.65
CA PRO A 132 -18.12 -0.99 -3.91
C PRO A 132 -19.09 -2.16 -3.81
N ASN A 133 -19.26 -2.69 -2.61
CA ASN A 133 -20.41 -3.57 -2.40
C ASN A 133 -21.29 -2.83 -1.41
N VAL A 134 -21.80 -3.51 -0.40
CA VAL A 134 -22.66 -2.80 0.56
C VAL A 134 -21.86 -1.78 1.34
N PRO A 135 -22.27 -0.49 1.39
CA PRO A 135 -21.43 0.42 2.22
C PRO A 135 -21.31 0.03 3.71
N GLY A 136 -20.14 0.28 4.28
CA GLY A 136 -19.69 -0.29 5.54
C GLY A 136 -19.07 -1.66 5.49
N LYS A 137 -19.07 -2.28 4.31
CA LYS A 137 -18.28 -3.46 4.12
C LYS A 137 -17.10 -3.11 3.20
N PRO A 138 -16.07 -3.92 3.25
CA PRO A 138 -14.91 -3.71 2.36
C PRO A 138 -15.24 -3.92 0.92
N GLN A 139 -14.39 -3.36 0.04
CA GLN A 139 -14.60 -3.53 -1.36
C GLN A 139 -14.72 -5.05 -1.65
N VAL A 140 -15.38 -5.39 -2.75
CA VAL A 140 -15.66 -6.80 -3.05
C VAL A 140 -14.44 -7.75 -2.95
N ALA A 141 -13.29 -7.38 -3.51
CA ALA A 141 -12.14 -8.29 -3.53
C ALA A 141 -11.42 -8.39 -2.17
N TYR A 142 -11.82 -7.57 -1.20
CA TYR A 142 -11.39 -7.65 0.16
C TYR A 142 -12.43 -8.40 1.05
N ASP A 143 -13.45 -8.95 0.43
CA ASP A 143 -14.49 -9.76 1.09
C ASP A 143 -14.57 -11.07 0.32
N PHE A 144 -13.84 -12.09 0.78
CA PHE A 144 -13.62 -13.25 -0.04
C PHE A 144 -14.90 -14.02 -0.34
N GLU A 145 -15.85 -14.00 0.60
CA GLU A 145 -17.16 -14.61 0.29
C GLU A 145 -17.93 -13.86 -0.79
N ALA A 146 -17.96 -12.51 -0.74
CA ALA A 146 -18.55 -11.75 -1.82
C ALA A 146 -17.87 -11.96 -3.13
N MET A 147 -16.53 -11.98 -3.13
CA MET A 147 -15.82 -12.25 -4.34
C MET A 147 -16.24 -13.57 -4.97
N ARG A 148 -16.34 -14.61 -4.17
CA ARG A 148 -16.76 -15.90 -4.69
C ARG A 148 -18.14 -15.84 -5.30
N THR A 149 -19.06 -15.16 -4.61
CA THR A 149 -20.43 -15.00 -5.12
C THR A 149 -20.48 -14.28 -6.47
N TYR A 150 -19.72 -13.20 -6.52
CA TYR A 150 -19.68 -12.45 -7.76
C TYR A 150 -19.15 -13.30 -8.90
N LEU A 151 -18.06 -14.04 -8.66
CA LEU A 151 -17.50 -14.91 -9.71
C LEU A 151 -18.37 -16.10 -10.17
N GLN A 152 -19.09 -16.71 -9.22
CA GLN A 152 -19.98 -17.77 -9.54
C GLN A 152 -21.12 -17.26 -10.46
N GLN A 153 -21.68 -16.11 -10.05
CA GLN A 153 -22.84 -15.57 -10.78
C GLN A 153 -22.45 -15.06 -12.16
N VAL A 154 -21.31 -14.35 -12.27
CA VAL A 154 -20.90 -13.86 -13.51
C VAL A 154 -20.43 -15.01 -14.40
N SER A 155 -19.76 -16.02 -13.85
CA SER A 155 -19.35 -17.16 -14.68
C SER A 155 -20.61 -17.87 -15.28
N LEU A 156 -21.66 -18.01 -14.49
CA LEU A 156 -22.89 -18.63 -14.99
C LEU A 156 -23.61 -17.78 -16.02
N ALA A 157 -23.66 -16.48 -15.81
CA ALA A 157 -24.37 -15.58 -16.69
C ALA A 157 -23.67 -15.31 -17.97
N TYR A 158 -22.32 -15.34 -17.94
CA TYR A 158 -21.62 -14.94 -19.11
C TYR A 158 -21.24 -16.11 -19.99
N GLY A 159 -20.64 -17.10 -19.38
CA GLY A 159 -20.34 -18.37 -20.01
C GLY A 159 -19.14 -18.40 -20.95
N LEU A 160 -18.34 -17.33 -20.92
CA LEU A 160 -17.19 -17.15 -21.84
C LEU A 160 -15.98 -16.73 -21.00
N PRO A 161 -14.79 -16.96 -21.54
CA PRO A 161 -13.56 -16.51 -20.83
C PRO A 161 -13.69 -15.01 -20.53
N PHE A 162 -13.24 -14.67 -19.33
CA PHE A 162 -13.14 -13.25 -18.95
C PHE A 162 -11.94 -13.04 -18.04
N GLY A 163 -11.72 -11.81 -17.60
CA GLY A 163 -10.69 -11.59 -16.56
C GLY A 163 -11.21 -10.67 -15.50
N VAL A 164 -10.41 -10.48 -14.48
CA VAL A 164 -10.78 -9.75 -13.33
C VAL A 164 -9.69 -8.70 -12.99
N LYS A 165 -10.09 -7.55 -12.56
CA LYS A 165 -9.15 -6.48 -12.07
C LYS A 165 -9.20 -6.54 -10.53
N MET A 166 -8.02 -6.70 -9.93
CA MET A 166 -7.84 -6.95 -8.49
C MET A 166 -7.17 -5.76 -7.78
N PRO A 167 -7.61 -5.42 -6.59
CA PRO A 167 -6.89 -4.50 -5.77
C PRO A 167 -5.60 -5.15 -5.27
N PRO A 168 -4.66 -4.35 -4.82
CA PRO A 168 -3.49 -4.94 -4.19
C PRO A 168 -3.78 -5.59 -2.84
N TYR A 169 -3.03 -6.66 -2.54
CA TYR A 169 -2.94 -7.28 -1.24
C TYR A 169 -1.52 -7.11 -0.64
N PHE A 170 -1.46 -7.20 0.69
CA PHE A 170 -0.33 -6.88 1.51
C PHE A 170 0.17 -7.97 2.48
N ASP A 171 -0.55 -9.05 2.49
CA ASP A 171 -0.36 -10.15 3.50
C ASP A 171 -0.37 -11.46 2.65
N ILE A 172 0.54 -12.36 2.95
CA ILE A 172 0.72 -13.60 2.18
C ILE A 172 -0.54 -14.42 2.31
N ALA A 173 -1.15 -14.37 3.49
CA ALA A 173 -2.32 -15.21 3.68
C ALA A 173 -3.43 -14.75 2.74
N HIS A 174 -3.53 -13.43 2.48
CA HIS A 174 -4.49 -12.89 1.50
C HIS A 174 -4.14 -13.28 0.04
N PHE A 175 -2.85 -13.28 -0.31
CA PHE A 175 -2.46 -13.74 -1.63
C PHE A 175 -2.98 -15.18 -1.81
N ASP A 176 -2.76 -15.98 -0.76
CA ASP A 176 -3.12 -17.40 -0.82
C ASP A 176 -4.61 -17.53 -1.00
N THR A 177 -5.38 -16.83 -0.20
CA THR A 177 -6.82 -16.96 -0.22
C THR A 177 -7.42 -16.45 -1.53
N ALA A 178 -6.98 -15.26 -1.96
CA ALA A 178 -7.49 -14.68 -3.18
C ALA A 178 -7.23 -15.53 -4.40
N ALA A 179 -5.98 -16.05 -4.55
CA ALA A 179 -5.68 -16.90 -5.67
C ALA A 179 -6.46 -18.18 -5.63
N ALA A 180 -6.67 -18.71 -4.46
CA ALA A 180 -7.48 -19.92 -4.33
C ALA A 180 -8.93 -19.69 -4.80
N VAL A 181 -9.52 -18.55 -4.43
CA VAL A 181 -10.83 -18.19 -4.95
C VAL A 181 -10.79 -18.11 -6.45
N LEU A 182 -9.84 -17.35 -7.04
CA LEU A 182 -9.81 -17.28 -8.48
C LEU A 182 -9.67 -18.60 -9.21
N ASN A 183 -8.88 -19.50 -8.62
CA ASN A 183 -8.58 -20.79 -9.24
C ASN A 183 -9.81 -21.73 -9.17
N GLU A 184 -10.84 -21.35 -8.44
CA GLU A 184 -12.16 -22.07 -8.51
C GLU A 184 -12.86 -21.87 -9.81
N PHE A 185 -12.51 -20.82 -10.60
CA PHE A 185 -13.26 -20.36 -11.77
C PHE A 185 -12.48 -20.48 -13.05
N PRO A 186 -12.67 -21.59 -13.76
CA PRO A 186 -11.93 -21.82 -14.95
C PRO A 186 -12.17 -20.78 -16.07
N LEU A 187 -13.29 -20.08 -16.03
CA LEU A 187 -13.52 -19.05 -17.04
C LEU A 187 -12.74 -17.72 -16.78
N VAL A 188 -12.17 -17.61 -15.58
CA VAL A 188 -11.26 -16.48 -15.30
C VAL A 188 -9.89 -16.75 -15.92
N LYS A 189 -9.66 -16.19 -17.08
CA LYS A 189 -8.46 -16.51 -17.85
C LYS A 189 -7.36 -15.50 -17.68
N PHE A 190 -7.68 -14.35 -17.18
CA PHE A 190 -6.63 -13.31 -16.89
C PHE A 190 -6.96 -12.60 -15.60
N VAL A 191 -5.90 -12.13 -14.90
CA VAL A 191 -5.98 -11.44 -13.63
C VAL A 191 -5.11 -10.19 -13.77
N THR A 192 -5.76 -9.04 -13.62
CA THR A 192 -5.05 -7.74 -13.75
C THR A 192 -4.74 -7.27 -12.35
N CYS A 193 -3.41 -7.15 -12.09
CA CYS A 193 -2.87 -6.75 -10.81
C CYS A 193 -2.03 -5.50 -11.06
N VAL A 194 -2.36 -4.31 -10.56
CA VAL A 194 -3.32 -4.03 -9.53
C VAL A 194 -4.09 -2.78 -9.85
N ASN A 195 -5.28 -2.69 -9.25
CA ASN A 195 -5.99 -1.39 -9.06
C ASN A 195 -5.22 -0.42 -8.12
N SER A 196 -5.75 0.79 -7.92
CA SER A 196 -5.11 1.75 -7.02
C SER A 196 -4.91 1.23 -5.63
N VAL A 197 -3.88 1.72 -4.94
CA VAL A 197 -3.66 1.43 -3.57
C VAL A 197 -4.66 2.31 -2.76
N GLY A 198 -5.60 1.64 -2.09
CA GLY A 198 -6.76 2.33 -1.57
C GLY A 198 -6.52 3.30 -0.47
N ASN A 199 -7.34 4.35 -0.50
CA ASN A 199 -7.46 5.29 0.62
C ASN A 199 -6.17 5.82 1.19
N GLY A 200 -5.33 6.30 0.26
CA GLY A 200 -4.23 7.16 0.63
C GLY A 200 -4.73 8.60 0.88
N LEU A 201 -3.86 9.49 1.34
CA LEU A 201 -4.21 10.85 1.67
C LEU A 201 -3.06 11.77 1.29
N VAL A 202 -3.24 12.61 0.29
CA VAL A 202 -2.20 13.60 -0.05
C VAL A 202 -2.60 14.96 0.56
N ILE A 203 -1.63 15.57 1.20
CA ILE A 203 -1.84 16.87 1.81
C ILE A 203 -0.81 17.85 1.21
N ASP A 204 -1.28 19.02 0.89
CA ASP A 204 -0.45 20.11 0.37
C ASP A 204 0.02 20.98 1.54
N ALA A 205 1.31 21.06 1.74
CA ALA A 205 1.82 21.75 2.91
C ALA A 205 1.58 23.24 2.89
N GLU A 206 1.63 23.85 1.72
CA GLU A 206 1.44 25.33 1.68
C GLU A 206 0.02 25.72 2.10
N SER A 207 -0.97 25.03 1.52
CA SER A 207 -2.34 25.36 1.82
C SER A 207 -2.92 24.59 3.04
N GLU A 208 -2.14 23.66 3.58
CA GLU A 208 -2.55 22.84 4.71
C GLU A 208 -3.81 22.09 4.45
N SER A 209 -4.03 21.69 3.19
CA SER A 209 -5.31 21.14 2.75
C SER A 209 -5.09 19.84 2.01
N VAL A 210 -6.07 18.90 2.13
CA VAL A 210 -6.14 17.78 1.19
C VAL A 210 -6.34 18.33 -0.23
N VAL A 211 -6.10 17.49 -1.24
CA VAL A 211 -6.08 17.96 -2.61
C VAL A 211 -7.24 17.47 -3.47
N ILE A 212 -8.03 16.51 -2.96
CA ILE A 212 -9.28 16.14 -3.60
C ILE A 212 -10.43 16.32 -2.61
N LYS A 213 -11.58 16.58 -3.17
CA LYS A 213 -12.74 16.90 -2.40
C LYS A 213 -13.51 15.72 -1.82
N PRO A 214 -13.71 14.65 -2.59
CA PRO A 214 -14.51 13.55 -1.99
C PRO A 214 -13.83 12.92 -0.78
N LYS A 215 -14.60 12.32 0.13
CA LYS A 215 -14.09 11.47 1.20
C LYS A 215 -13.00 12.12 2.04
N GLN A 216 -13.14 13.44 2.26
CA GLN A 216 -12.23 14.22 3.12
C GLN A 216 -10.79 14.05 2.62
N GLY A 217 -10.66 13.87 1.31
CA GLY A 217 -9.33 13.85 0.66
C GLY A 217 -8.76 12.44 0.50
N PHE A 218 -9.42 11.37 0.98
CA PHE A 218 -8.95 10.02 0.83
C PHE A 218 -9.27 9.49 -0.58
N GLY A 219 -8.32 8.83 -1.22
CA GLY A 219 -8.53 8.27 -2.52
C GLY A 219 -7.46 7.32 -2.92
N GLY A 220 -7.66 6.70 -4.09
CA GLY A 220 -6.74 5.61 -4.46
C GLY A 220 -5.47 6.20 -5.08
N LEU A 221 -4.34 5.60 -4.78
CA LEU A 221 -3.03 6.05 -5.23
C LEU A 221 -2.60 5.20 -6.43
N GLY A 222 -1.96 5.86 -7.35
CA GLY A 222 -1.29 5.28 -8.48
C GLY A 222 0.09 5.93 -8.72
N GLY A 223 0.82 5.36 -9.65
CA GLY A 223 2.06 5.92 -10.12
C GLY A 223 3.28 5.35 -9.38
N LYS A 224 4.29 6.17 -9.25
CA LYS A 224 5.59 5.70 -8.73
C LYS A 224 5.47 5.15 -7.32
N TYR A 225 4.54 5.69 -6.51
CA TYR A 225 4.27 5.20 -5.16
C TYR A 225 4.03 3.67 -5.13
N ILE A 226 3.41 3.12 -6.18
CA ILE A 226 2.90 1.81 -6.10
C ILE A 226 3.62 0.69 -6.88
N LEU A 227 4.71 1.00 -7.54
CA LEU A 227 5.38 0.02 -8.41
C LEU A 227 5.80 -1.25 -7.65
N PRO A 228 6.51 -1.13 -6.49
CA PRO A 228 6.83 -2.41 -5.80
C PRO A 228 5.63 -3.18 -5.32
N THR A 229 4.56 -2.54 -4.89
CA THR A 229 3.35 -3.19 -4.53
C THR A 229 2.74 -3.91 -5.78
N ALA A 230 2.71 -3.23 -6.94
CA ALA A 230 2.21 -3.81 -8.20
C ALA A 230 3.00 -5.10 -8.58
N LEU A 231 4.35 -4.97 -8.58
CA LEU A 231 5.19 -6.09 -8.91
C LEU A 231 4.93 -7.28 -8.00
N ALA A 232 4.78 -7.03 -6.71
CA ALA A 232 4.56 -8.08 -5.75
C ALA A 232 3.28 -8.81 -6.10
N ASN A 233 2.25 -8.06 -6.41
CA ASN A 233 0.97 -8.71 -6.73
C ASN A 233 0.98 -9.48 -8.03
N VAL A 234 1.60 -8.92 -9.07
CA VAL A 234 1.74 -9.60 -10.37
C VAL A 234 2.46 -10.94 -10.05
N ASN A 235 3.57 -10.89 -9.32
CA ASN A 235 4.40 -12.12 -9.15
C ASN A 235 3.67 -13.11 -8.27
N ALA A 236 2.98 -12.63 -7.24
CA ALA A 236 2.23 -13.51 -6.30
C ALA A 236 1.16 -14.32 -7.08
N PHE A 237 0.42 -13.62 -7.93
CA PHE A 237 -0.68 -14.29 -8.68
C PHE A 237 -0.09 -15.12 -9.78
N TYR A 238 1.00 -14.65 -10.39
CA TYR A 238 1.70 -15.45 -11.43
C TYR A 238 2.12 -16.80 -10.90
N ARG A 239 2.72 -16.80 -9.69
CA ARG A 239 3.16 -18.08 -9.02
C ARG A 239 1.94 -18.91 -8.61
N ARG A 240 0.83 -18.34 -8.24
CA ARG A 240 -0.30 -19.13 -7.67
C ARG A 240 -1.37 -19.50 -8.66
N CYS A 241 -1.37 -18.87 -9.83
CA CYS A 241 -2.36 -19.14 -10.91
C CYS A 241 -1.74 -19.58 -12.18
N PRO A 242 -1.24 -20.83 -12.18
CA PRO A 242 -0.52 -21.34 -13.31
C PRO A 242 -1.35 -21.50 -14.61
N ASP A 243 -2.63 -21.61 -14.54
CA ASP A 243 -3.44 -21.76 -15.73
C ASP A 243 -4.09 -20.46 -16.13
N LYS A 244 -3.70 -19.31 -15.52
CA LYS A 244 -4.25 -18.00 -15.92
C LYS A 244 -3.11 -17.09 -16.36
N LEU A 245 -3.43 -16.09 -17.15
CA LEU A 245 -2.53 -14.96 -17.51
C LEU A 245 -2.63 -13.96 -16.42
N VAL A 246 -1.54 -13.21 -16.22
CA VAL A 246 -1.55 -12.04 -15.36
C VAL A 246 -1.24 -10.83 -16.20
N PHE A 247 -2.05 -9.80 -16.06
CA PHE A 247 -1.72 -8.51 -16.66
C PHE A 247 -1.20 -7.58 -15.55
N GLY A 248 -0.14 -6.82 -15.83
CA GLY A 248 0.37 -5.94 -14.79
C GLY A 248 -0.12 -4.55 -14.98
N CYS A 249 -0.37 -3.89 -13.87
CA CYS A 249 -0.76 -2.45 -13.88
C CYS A 249 -0.22 -1.85 -12.60
N GLY A 250 0.48 -0.73 -12.68
CA GLY A 250 0.90 0.10 -11.52
C GLY A 250 2.30 0.57 -11.66
N GLY A 251 2.42 1.88 -11.65
CA GLY A 251 3.77 2.45 -11.67
C GLY A 251 4.52 2.39 -12.92
N VAL A 252 3.90 2.09 -14.07
CA VAL A 252 4.70 2.06 -15.30
C VAL A 252 4.84 3.49 -15.86
N TYR A 253 6.07 3.94 -15.94
CA TYR A 253 6.45 5.19 -16.58
C TYR A 253 7.52 5.02 -17.65
N SER A 254 8.06 3.84 -17.82
CA SER A 254 9.22 3.68 -18.70
C SER A 254 9.22 2.25 -19.20
N GLY A 255 10.00 2.00 -20.23
CA GLY A 255 10.19 0.60 -20.70
C GLY A 255 10.84 -0.24 -19.62
N GLU A 256 11.67 0.33 -18.78
CA GLU A 256 12.31 -0.41 -17.70
C GLU A 256 11.27 -0.88 -16.73
N ASP A 257 10.29 0.01 -16.38
CA ASP A 257 9.21 -0.40 -15.47
C ASP A 257 8.36 -1.57 -16.07
N ALA A 258 8.11 -1.48 -17.37
CA ALA A 258 7.38 -2.52 -18.10
C ALA A 258 8.15 -3.83 -18.09
N PHE A 259 9.46 -3.73 -18.34
CA PHE A 259 10.34 -4.92 -18.28
C PHE A 259 10.27 -5.64 -16.91
N LEU A 260 10.19 -4.87 -15.84
CA LEU A 260 10.12 -5.43 -14.49
C LEU A 260 8.78 -6.15 -14.33
N HIS A 261 7.69 -5.51 -14.75
CA HIS A 261 6.38 -6.18 -14.73
C HIS A 261 6.38 -7.52 -15.48
N ILE A 262 7.04 -7.53 -16.63
CA ILE A 262 7.06 -8.69 -17.48
C ILE A 262 7.96 -9.77 -16.79
N LEU A 263 9.11 -9.37 -16.26
CA LEU A 263 9.93 -10.31 -15.41
C LEU A 263 9.13 -10.91 -14.28
N ALA A 264 8.27 -10.13 -13.64
CA ALA A 264 7.36 -10.64 -12.59
C ALA A 264 6.28 -11.55 -13.04
N GLY A 265 5.95 -11.54 -14.32
CA GLY A 265 5.01 -12.47 -14.89
C GLY A 265 3.94 -11.84 -15.74
N ALA A 266 3.99 -10.51 -15.95
CA ALA A 266 2.97 -9.84 -16.74
C ALA A 266 2.97 -10.23 -18.25
N SER A 267 1.75 -10.47 -18.79
CA SER A 267 1.48 -10.62 -20.21
C SER A 267 1.26 -9.23 -20.85
N MET A 268 0.11 -8.63 -20.63
CA MET A 268 -0.11 -7.26 -20.99
C MET A 268 0.34 -6.36 -19.80
N VAL A 269 0.69 -5.13 -20.15
CA VAL A 269 1.14 -4.13 -19.22
C VAL A 269 0.28 -2.88 -19.43
N GLN A 270 -0.45 -2.45 -18.39
CA GLN A 270 -1.41 -1.37 -18.49
C GLN A 270 -0.70 -0.12 -17.88
N VAL A 271 -1.07 1.08 -18.38
CA VAL A 271 -0.53 2.34 -18.00
C VAL A 271 -1.65 3.32 -17.66
N GLY A 272 -1.67 3.74 -16.43
CA GLY A 272 -2.71 4.65 -15.86
C GLY A 272 -2.17 6.05 -15.72
N THR A 273 -1.65 6.34 -14.53
CA THR A 273 -1.17 7.68 -14.15
C THR A 273 -0.24 8.27 -15.22
N ALA A 274 0.72 7.50 -15.65
CA ALA A 274 1.70 8.11 -16.59
C ALA A 274 1.05 8.48 -17.90
N LEU A 275 0.05 7.70 -18.32
CA LEU A 275 -0.71 7.99 -19.53
C LEU A 275 -1.63 9.23 -19.35
N GLN A 276 -2.25 9.32 -18.18
CA GLN A 276 -3.02 10.50 -17.79
C GLN A 276 -2.11 11.73 -17.82
N GLU A 277 -0.85 11.64 -17.43
CA GLU A 277 0.00 12.79 -17.37
C GLU A 277 0.65 13.14 -18.69
N GLU A 278 1.10 12.13 -19.45
CA GLU A 278 1.90 12.33 -20.67
C GLU A 278 1.07 12.33 -21.94
N GLY A 279 -0.02 11.59 -21.95
CA GLY A 279 -0.81 11.41 -23.11
C GLY A 279 -0.39 10.24 -23.93
N PRO A 280 -1.15 9.94 -25.00
CA PRO A 280 -0.99 8.69 -25.70
C PRO A 280 0.33 8.49 -26.48
N GLY A 281 1.07 9.57 -26.66
CA GLY A 281 2.41 9.44 -27.19
C GLY A 281 3.28 8.58 -26.33
N ILE A 282 2.91 8.39 -25.08
CA ILE A 282 3.70 7.57 -24.20
C ILE A 282 3.94 6.16 -24.77
N PHE A 283 2.99 5.65 -25.55
CA PHE A 283 3.13 4.28 -26.02
C PHE A 283 4.23 4.05 -27.00
N THR A 284 4.55 5.05 -27.80
CA THR A 284 5.73 4.89 -28.73
C THR A 284 7.04 4.89 -27.93
N ARG A 285 7.12 5.72 -26.93
CA ARG A 285 8.25 5.78 -26.02
C ARG A 285 8.43 4.51 -25.29
N LEU A 286 7.34 3.97 -24.72
CA LEU A 286 7.48 2.74 -23.97
C LEU A 286 7.96 1.56 -24.82
N GLU A 287 7.41 1.50 -26.01
CA GLU A 287 7.79 0.47 -27.01
C GLU A 287 9.29 0.57 -27.29
N ASP A 288 9.73 1.75 -27.60
CA ASP A 288 11.14 1.98 -27.92
C ASP A 288 12.06 1.64 -26.79
N GLU A 289 11.68 2.06 -25.57
CA GLU A 289 12.49 1.83 -24.40
C GLU A 289 12.57 0.33 -24.05
N LEU A 290 11.47 -0.40 -24.20
CA LEU A 290 11.45 -1.78 -23.88
C LEU A 290 12.34 -2.53 -24.92
N LEU A 291 12.19 -2.15 -26.17
CA LEU A 291 13.00 -2.79 -27.24
C LEU A 291 14.45 -2.54 -27.01
N GLU A 292 14.81 -1.35 -26.50
CA GLU A 292 16.23 -1.08 -26.28
C GLU A 292 16.81 -1.99 -25.18
N ILE A 293 16.02 -2.21 -24.11
CA ILE A 293 16.46 -3.09 -23.03
C ILE A 293 16.60 -4.50 -23.55
N MET A 294 15.62 -4.96 -24.32
CA MET A 294 15.72 -6.30 -24.95
C MET A 294 16.95 -6.40 -25.83
N ALA A 295 17.21 -5.40 -26.61
CA ALA A 295 18.39 -5.51 -27.52
C ALA A 295 19.70 -5.62 -26.73
N ARG A 296 19.81 -4.84 -25.66
CA ARG A 296 21.02 -4.85 -24.80
C ARG A 296 21.25 -6.20 -24.16
N LYS A 297 20.17 -6.88 -23.82
CA LYS A 297 20.21 -8.18 -23.14
C LYS A 297 20.16 -9.37 -24.09
N GLY A 298 20.02 -9.12 -25.37
CA GLY A 298 19.89 -10.19 -26.34
C GLY A 298 18.55 -10.94 -26.33
N TYR A 299 17.46 -10.35 -25.82
CA TYR A 299 16.17 -10.99 -25.86
C TYR A 299 15.43 -10.61 -27.17
N ARG A 300 14.88 -11.62 -27.86
CA ARG A 300 14.18 -11.39 -29.10
C ARG A 300 12.68 -11.30 -28.98
N THR A 301 12.14 -11.98 -27.96
CA THR A 301 10.75 -11.99 -27.66
C THR A 301 10.45 -11.80 -26.16
N LEU A 302 9.19 -11.49 -25.88
CA LEU A 302 8.74 -11.30 -24.51
C LEU A 302 8.74 -12.63 -23.70
N GLU A 303 8.45 -13.75 -24.36
CA GLU A 303 8.39 -15.01 -23.66
C GLU A 303 9.72 -15.48 -23.13
N GLU A 304 10.80 -14.95 -23.70
CA GLU A 304 12.11 -15.33 -23.28
C GLU A 304 12.40 -14.91 -21.85
N PHE A 305 11.72 -13.83 -21.39
CA PHE A 305 11.90 -13.33 -20.04
C PHE A 305 10.69 -13.20 -19.15
N ARG A 306 9.49 -13.39 -19.73
CA ARG A 306 8.28 -13.31 -18.91
C ARG A 306 8.32 -14.29 -17.73
N GLY A 307 8.15 -13.78 -16.53
CA GLY A 307 8.11 -14.57 -15.31
C GLY A 307 9.45 -15.10 -14.84
N ARG A 308 10.52 -14.61 -15.46
CA ARG A 308 11.87 -15.20 -15.23
C ARG A 308 12.66 -14.41 -14.16
N VAL A 309 12.00 -13.56 -13.36
CA VAL A 309 12.62 -12.90 -12.26
C VAL A 309 13.42 -13.96 -11.43
N LYS A 310 14.69 -13.63 -11.12
CA LYS A 310 15.51 -14.51 -10.31
C LYS A 310 15.33 -14.22 -8.86
N THR A 311 15.39 -15.26 -8.05
CA THR A 311 15.47 -15.09 -6.60
C THR A 311 16.90 -15.36 -6.11
N ILE A 312 17.17 -15.00 -4.86
CA ILE A 312 18.53 -15.11 -4.36
C ILE A 312 18.64 -16.43 -3.60
N GLU A 313 19.60 -17.22 -4.08
CA GLU A 313 19.97 -18.49 -3.47
C GLU A 313 18.72 -19.33 -3.23
N MET B 1 11.74 30.25 20.07
CA MET B 1 10.84 29.09 19.75
C MET B 1 11.52 27.69 19.85
N CYS B 2 10.85 26.81 20.59
CA CYS B 2 11.31 25.44 20.73
C CYS B 2 10.10 24.50 20.54
N LEU B 3 10.40 23.21 20.29
CA LEU B 3 9.42 22.15 19.89
C LEU B 3 9.07 21.25 21.05
N LYS B 4 9.30 21.65 22.36
CA LYS B 4 9.16 20.76 23.50
C LYS B 4 7.67 20.49 23.62
N LEU B 5 7.29 19.28 24.02
CA LEU B 5 5.97 18.91 24.39
C LEU B 5 5.88 17.88 25.48
N ASN B 6 4.67 17.67 26.01
CA ASN B 6 4.37 16.73 27.07
C ASN B 6 3.33 15.85 26.61
N LEU B 7 3.57 14.53 26.69
CA LEU B 7 2.62 13.46 26.37
C LEU B 7 2.81 12.30 27.30
N LEU B 8 1.73 11.62 27.62
CA LEU B 8 1.83 10.38 28.37
C LEU B 8 2.59 10.61 29.72
N ASP B 9 2.44 11.77 30.31
CA ASP B 9 3.14 12.09 31.57
C ASP B 9 4.65 12.16 31.45
N HIS B 10 5.14 12.38 30.22
CA HIS B 10 6.52 12.58 29.99
C HIS B 10 6.75 13.88 29.26
N VAL B 11 7.95 14.42 29.39
CA VAL B 11 8.34 15.59 28.62
C VAL B 11 9.26 15.16 27.48
N PHE B 12 9.04 15.77 26.31
CA PHE B 12 9.81 15.49 25.10
C PHE B 12 10.37 16.80 24.54
N ALA B 13 11.62 16.84 24.22
CA ALA B 13 12.30 18.09 23.71
C ALA B 13 11.77 18.46 22.33
N ASN B 14 11.29 17.47 21.58
CA ASN B 14 10.75 17.65 20.23
C ASN B 14 9.98 16.38 19.88
N PRO B 15 9.21 16.41 18.78
CA PRO B 15 8.36 15.27 18.52
C PRO B 15 9.03 14.09 17.80
N PHE B 16 10.29 14.16 17.49
CA PHE B 16 10.91 13.15 16.63
C PHE B 16 11.51 12.00 17.40
N MET B 17 11.45 10.79 16.83
CA MET B 17 12.13 9.65 17.39
C MET B 17 12.41 8.68 16.25
N ASN B 18 13.23 7.65 16.52
CA ASN B 18 13.45 6.63 15.52
C ASN B 18 12.18 5.82 15.45
N ALA B 19 12.02 5.17 14.32
CA ALA B 19 11.04 4.14 14.11
C ALA B 19 11.58 2.80 14.66
N ALA B 20 10.74 1.96 15.29
CA ALA B 20 11.22 0.71 15.83
C ALA B 20 11.92 -0.12 14.73
N GLY B 21 13.03 -0.77 15.06
CA GLY B 21 13.81 -1.54 14.14
C GLY B 21 15.00 -0.82 13.56
N VAL B 22 14.96 0.52 13.55
CA VAL B 22 16.05 1.32 12.95
C VAL B 22 16.88 1.91 14.04
N LEU B 23 18.16 1.63 13.98
CA LEU B 23 19.17 2.20 14.95
C LEU B 23 18.83 1.97 16.41
N CYS B 24 18.46 0.70 16.73
CA CYS B 24 17.95 0.45 18.06
C CYS B 24 18.06 -0.99 18.51
N SER B 25 18.94 -1.74 17.94
CA SER B 25 18.97 -3.19 18.24
C SER B 25 19.98 -3.54 19.31
N THR B 26 21.10 -2.89 19.29
CA THR B 26 22.13 -3.14 20.21
C THR B 26 22.36 -2.00 21.24
N GLU B 27 23.18 -2.25 22.30
CA GLU B 27 23.46 -1.24 23.28
C GLU B 27 24.14 -0.01 22.58
N GLU B 28 25.00 -0.30 21.63
CA GLU B 28 25.64 0.76 20.90
C GLU B 28 24.62 1.64 20.14
N ASP B 29 23.63 0.97 19.53
CA ASP B 29 22.61 1.68 18.74
C ASP B 29 21.82 2.58 19.71
N LEU B 30 21.42 2.00 20.87
CA LEU B 30 20.55 2.72 21.79
C LEU B 30 21.28 3.89 22.41
N ARG B 31 22.60 3.74 22.64
CA ARG B 31 23.42 4.84 23.18
C ARG B 31 23.56 5.93 22.12
N CYS B 32 23.61 5.53 20.83
CA CYS B 32 23.73 6.53 19.71
C CYS B 32 22.44 7.30 19.59
N MET B 33 21.30 6.62 19.64
CA MET B 33 20.00 7.31 19.58
C MET B 33 19.83 8.19 20.82
N THR B 34 20.27 7.76 21.97
CA THR B 34 20.20 8.60 23.16
C THR B 34 21.03 9.87 23.04
N ALA B 35 22.15 9.76 22.43
CA ALA B 35 23.07 10.90 22.19
C ALA B 35 22.60 11.91 21.11
N SER B 36 21.70 11.44 20.26
CA SER B 36 21.17 12.23 19.17
C SER B 36 20.24 13.32 19.71
N SER B 37 19.87 14.22 18.79
CA SER B 37 18.88 15.25 19.11
C SER B 37 17.45 14.83 19.12
N SER B 38 17.16 13.56 18.88
CA SER B 38 15.76 13.10 18.92
C SER B 38 15.10 13.37 20.25
N GLY B 39 13.80 13.53 20.25
CA GLY B 39 13.08 13.72 21.44
C GLY B 39 12.81 12.48 22.27
N ALA B 40 12.87 11.33 21.60
CA ALA B 40 12.67 10.03 22.28
C ALA B 40 13.37 8.93 21.44
N LEU B 41 13.35 7.68 21.96
CA LEU B 41 13.84 6.55 21.22
C LEU B 41 12.97 5.36 21.54
N VAL B 42 12.93 4.40 20.63
CA VAL B 42 12.23 3.15 20.80
C VAL B 42 13.23 2.02 20.53
N SER B 43 13.16 0.95 21.32
CA SER B 43 14.01 -0.19 21.07
C SER B 43 13.45 -1.07 19.95
N LYS B 44 14.28 -1.96 19.44
CA LYS B 44 13.94 -2.98 18.43
C LYS B 44 12.83 -3.89 18.95
N SER B 45 11.82 -4.21 18.18
CA SER B 45 10.77 -5.14 18.68
C SER B 45 11.49 -6.41 19.13
N CYS B 46 11.07 -6.92 20.29
CA CYS B 46 11.80 -8.09 20.80
C CYS B 46 10.90 -9.26 21.07
N THR B 47 11.57 -10.41 21.13
CA THR B 47 10.99 -11.70 21.47
C THR B 47 11.63 -12.18 22.81
N SER B 48 11.02 -13.16 23.48
CA SER B 48 11.55 -13.63 24.72
C SER B 48 12.96 -14.13 24.57
N ALA B 49 13.23 -14.87 23.49
CA ALA B 49 14.61 -15.36 23.20
C ALA B 49 15.27 -14.52 22.10
N PRO B 50 16.60 -14.43 22.12
CA PRO B 50 17.32 -13.78 21.02
C PRO B 50 16.99 -14.43 19.67
N ARG B 51 17.07 -13.63 18.59
CA ARG B 51 16.87 -14.17 17.24
C ARG B 51 17.95 -13.62 16.33
N ASP B 52 18.46 -14.49 15.44
CA ASP B 52 19.39 -14.08 14.39
C ASP B 52 18.65 -13.40 13.21
N GLY B 53 17.35 -13.63 13.09
CA GLY B 53 16.59 -13.11 11.92
C GLY B 53 16.88 -13.90 10.66
N ASN B 54 16.49 -13.32 9.54
CA ASN B 54 16.61 -13.91 8.23
C ASN B 54 17.93 -13.77 7.58
N PRO B 55 18.17 -14.67 6.57
CA PRO B 55 19.38 -14.53 5.77
C PRO B 55 19.55 -13.19 5.04
N GLU B 56 20.79 -12.74 4.94
CA GLU B 56 21.16 -11.50 4.24
C GLU B 56 21.40 -11.81 2.76
N PRO B 57 21.13 -10.84 1.84
CA PRO B 57 20.61 -9.51 2.14
C PRO B 57 19.15 -9.48 2.52
N ARG B 58 18.84 -8.63 3.52
CA ARG B 58 17.47 -8.57 4.08
C ARG B 58 16.92 -7.12 4.23
N TYR B 59 17.71 -6.12 3.84
CA TYR B 59 17.36 -4.73 3.73
C TYR B 59 18.03 -4.16 2.53
N MET B 60 17.30 -3.37 1.72
CA MET B 60 17.91 -2.56 0.69
C MET B 60 17.17 -1.27 0.55
N ALA B 61 17.90 -0.20 0.21
CA ALA B 61 17.34 1.10 0.03
C ALA B 61 17.68 1.66 -1.31
N PHE B 62 16.79 2.56 -1.74
CA PHE B 62 16.72 3.16 -3.07
C PHE B 62 16.20 4.56 -2.94
N PRO B 63 16.26 5.32 -4.04
CA PRO B 63 15.88 6.72 -3.98
C PRO B 63 14.52 6.93 -3.44
N LEU B 64 13.57 6.01 -3.76
CA LEU B 64 12.19 6.16 -3.30
C LEU B 64 11.87 5.45 -1.99
N GLY B 65 12.80 4.68 -1.46
CA GLY B 65 12.48 4.02 -0.19
C GLY B 65 13.22 2.76 0.02
N SER B 66 12.67 1.91 0.85
CA SER B 66 13.37 0.70 1.27
C SER B 66 12.46 -0.48 1.23
N ILE B 67 13.11 -1.62 1.24
CA ILE B 67 12.38 -2.89 1.38
C ILE B 67 13.14 -3.72 2.44
N ASN B 68 12.41 -4.42 3.31
CA ASN B 68 13.06 -5.30 4.31
C ASN B 68 12.25 -6.49 4.64
N SER B 69 13.05 -7.59 4.87
CA SER B 69 12.48 -8.77 5.49
C SER B 69 13.46 -9.19 6.55
N MET B 70 13.58 -8.38 7.60
CA MET B 70 14.64 -8.62 8.57
C MET B 70 14.41 -9.95 9.34
N GLY B 71 13.19 -10.32 9.60
CA GLY B 71 12.85 -11.48 10.44
C GLY B 71 13.02 -11.32 11.93
N LEU B 72 12.81 -10.12 12.47
CA LEU B 72 12.90 -9.83 13.86
C LEU B 72 14.20 -10.26 14.52
N PRO B 73 15.36 -9.90 13.93
CA PRO B 73 16.60 -10.13 14.66
C PRO B 73 16.63 -9.25 15.89
N ASN B 74 17.00 -9.75 17.06
CA ASN B 74 17.02 -8.96 18.26
C ASN B 74 17.78 -9.71 19.33
N LEU B 75 18.15 -8.95 20.34
CA LEU B 75 19.00 -9.46 21.43
C LEU B 75 18.21 -10.20 22.49
N GLY B 76 16.91 -10.22 22.35
CA GLY B 76 16.02 -10.85 23.30
C GLY B 76 15.53 -9.91 24.41
N PHE B 77 14.35 -10.19 24.89
CA PHE B 77 13.73 -9.38 25.86
C PHE B 77 14.57 -9.09 27.14
N ASP B 78 15.31 -10.09 27.70
CA ASP B 78 16.12 -9.81 28.85
C ASP B 78 17.10 -8.64 28.66
N PHE B 79 17.64 -8.52 27.43
CA PHE B 79 18.56 -7.44 27.05
C PHE B 79 17.86 -6.08 27.07
N TYR B 80 16.72 -5.98 26.40
CA TYR B 80 16.00 -4.70 26.32
C TYR B 80 15.46 -4.27 27.68
N LEU B 81 14.99 -5.22 28.47
CA LEU B 81 14.55 -4.93 29.83
C LEU B 81 15.67 -4.45 30.73
N LYS B 82 16.86 -5.01 30.61
CA LYS B 82 18.01 -4.57 31.35
C LYS B 82 18.43 -3.18 30.91
N TYR B 83 18.36 -2.96 29.57
CA TYR B 83 18.66 -1.62 29.05
C TYR B 83 17.69 -0.56 29.68
N ALA B 84 16.39 -0.86 29.69
CA ALA B 84 15.36 0.02 30.29
C ALA B 84 15.54 0.22 31.83
N SER B 85 15.96 -0.85 32.50
CA SER B 85 15.98 -0.93 33.96
C SER B 85 17.25 -0.34 34.55
N ASP B 86 18.40 -0.53 33.88
CA ASP B 86 19.73 -0.20 34.40
C ASP B 86 20.61 0.71 33.55
N LEU B 87 20.44 0.76 32.20
CA LEU B 87 21.40 1.44 31.35
C LEU B 87 20.94 2.80 30.77
N HIS B 88 19.66 2.92 30.53
CA HIS B 88 19.09 4.11 29.87
C HIS B 88 19.10 5.28 30.84
N ASP B 89 19.58 6.42 30.32
CA ASP B 89 19.55 7.66 31.04
C ASP B 89 18.25 8.44 30.74
N TYR B 90 17.30 8.33 31.63
CA TYR B 90 16.01 8.96 31.49
C TYR B 90 16.09 10.48 31.59
N SER B 91 17.21 11.01 32.05
CA SER B 91 17.35 12.47 32.09
C SER B 91 17.60 13.04 30.73
N LYS B 92 18.00 12.18 29.78
CA LYS B 92 18.28 12.60 28.43
C LYS B 92 16.99 12.65 27.56
N LYS B 93 16.16 11.60 27.62
CA LYS B 93 14.89 11.51 26.84
C LYS B 93 14.09 10.27 27.28
N PRO B 94 12.80 10.24 26.97
CA PRO B 94 12.02 9.05 27.24
C PRO B 94 12.42 7.87 26.38
N LEU B 95 12.12 6.68 26.87
CA LEU B 95 12.31 5.41 26.19
C LEU B 95 11.05 4.65 26.02
N PHE B 96 10.79 4.19 24.77
CA PHE B 96 9.76 3.24 24.47
C PHE B 96 10.41 1.86 24.26
N LEU B 97 9.79 0.76 24.76
CA LEU B 97 10.28 -0.54 24.44
C LEU B 97 9.23 -1.27 23.57
N SER B 98 9.64 -1.80 22.41
CA SER B 98 8.69 -2.46 21.47
C SER B 98 8.78 -3.97 21.67
N ILE B 99 7.61 -4.63 21.84
CA ILE B 99 7.54 -6.07 21.91
C ILE B 99 6.74 -6.69 20.80
N SER B 100 7.20 -7.83 20.27
CA SER B 100 6.59 -8.53 19.19
C SER B 100 6.75 -10.01 19.39
N GLY B 101 6.14 -10.56 20.44
CA GLY B 101 6.14 -12.03 20.58
C GLY B 101 5.39 -12.80 19.54
N LEU B 102 5.73 -14.08 19.41
CA LEU B 102 5.23 -14.90 18.33
C LEU B 102 3.82 -15.50 18.72
N SER B 103 3.38 -15.24 19.96
CA SER B 103 1.97 -15.60 20.45
C SER B 103 1.54 -14.69 21.55
N VAL B 104 0.24 -14.70 21.85
CA VAL B 104 -0.28 -13.97 22.87
C VAL B 104 0.39 -14.34 24.21
N GLU B 105 0.65 -15.64 24.43
CA GLU B 105 1.32 -16.02 25.68
C GLU B 105 2.69 -15.46 25.94
N GLU B 106 3.47 -15.41 24.84
CA GLU B 106 4.80 -14.83 24.85
C GLU B 106 4.75 -13.34 25.19
N ASN B 107 3.86 -12.63 24.49
CA ASN B 107 3.64 -11.19 24.87
C ASN B 107 3.18 -10.99 26.31
N VAL B 108 2.22 -11.82 26.81
CA VAL B 108 1.78 -11.67 28.19
C VAL B 108 2.94 -11.91 29.18
N ALA B 109 3.73 -12.93 28.92
CA ALA B 109 4.94 -13.14 29.71
C ALA B 109 5.93 -11.98 29.75
N MET B 110 6.15 -11.35 28.59
CA MET B 110 7.07 -10.22 28.57
C MET B 110 6.43 -9.01 29.27
N VAL B 111 5.13 -8.70 29.01
CA VAL B 111 4.62 -7.48 29.58
C VAL B 111 4.49 -7.59 31.13
N ARG B 112 4.30 -8.81 31.64
CA ARG B 112 4.15 -8.95 33.15
C ARG B 112 5.46 -8.59 33.81
N ARG B 113 6.57 -8.88 33.13
CA ARG B 113 7.91 -8.48 33.60
C ARG B 113 8.29 -7.02 33.36
N LEU B 114 7.69 -6.38 32.31
CA LEU B 114 7.97 -5.00 32.01
C LEU B 114 7.24 -4.09 32.98
N ALA B 115 6.04 -4.48 33.47
CA ALA B 115 5.19 -3.63 34.29
C ALA B 115 5.92 -2.94 35.46
N PRO B 116 6.69 -3.73 36.26
CA PRO B 116 7.35 -3.05 37.39
C PRO B 116 8.43 -2.07 36.98
N VAL B 117 9.11 -2.35 35.87
CA VAL B 117 10.06 -1.41 35.32
C VAL B 117 9.43 -0.15 34.76
N ALA B 118 8.28 -0.32 34.08
CA ALA B 118 7.47 0.83 33.67
C ALA B 118 7.04 1.70 34.85
N GLN B 119 6.57 1.08 35.93
CA GLN B 119 6.25 1.83 37.13
C GLN B 119 7.45 2.56 37.69
N GLU B 120 8.58 1.87 37.84
CA GLU B 120 9.77 2.40 38.55
C GLU B 120 10.49 3.47 37.71
N LYS B 121 10.63 3.18 36.40
CA LYS B 121 11.45 3.98 35.54
C LYS B 121 10.68 4.83 34.51
N GLY B 122 9.45 4.44 34.21
CA GLY B 122 8.66 5.16 33.22
C GLY B 122 8.90 4.79 31.75
N VAL B 123 9.63 3.71 31.49
CA VAL B 123 9.65 3.17 30.13
C VAL B 123 8.23 2.96 29.65
N LEU B 124 8.02 3.23 28.35
CA LEU B 124 6.72 3.08 27.74
C LEU B 124 6.65 1.91 26.78
N LEU B 125 5.57 1.16 26.82
CA LEU B 125 5.41 -0.04 25.97
C LEU B 125 4.72 0.30 24.63
N GLU B 126 5.38 -0.08 23.54
CA GLU B 126 4.77 -0.17 22.19
C GLU B 126 4.63 -1.64 21.78
N LEU B 127 3.39 -2.09 21.67
CA LEU B 127 3.10 -3.41 21.23
C LEU B 127 2.96 -3.57 19.75
N ASN B 128 3.87 -4.31 19.12
CA ASN B 128 3.84 -4.48 17.67
C ASN B 128 2.84 -5.51 17.24
N LEU B 129 1.74 -5.06 16.65
CA LEU B 129 0.60 -5.93 16.16
C LEU B 129 0.80 -6.47 14.78
N SER B 130 1.99 -6.25 14.17
CA SER B 130 2.39 -7.02 12.97
C SER B 130 3.09 -8.33 13.31
N CYS B 131 2.47 -9.12 14.17
CA CYS B 131 3.10 -10.30 14.74
C CYS B 131 2.35 -11.58 14.29
N PRO B 132 2.99 -12.75 14.48
CA PRO B 132 2.51 -14.03 14.02
C PRO B 132 1.13 -14.41 14.52
N ASN B 133 0.35 -15.09 13.67
CA ASN B 133 -1.00 -15.47 14.03
C ASN B 133 -1.19 -16.99 13.86
N VAL B 134 -2.40 -17.50 14.11
CA VAL B 134 -2.64 -18.95 13.93
C VAL B 134 -2.61 -19.38 12.43
N PRO B 135 -2.55 -20.72 12.17
CA PRO B 135 -2.49 -21.25 10.80
C PRO B 135 -3.56 -20.67 9.88
N GLY B 136 -3.11 -20.28 8.68
CA GLY B 136 -3.99 -19.78 7.59
C GLY B 136 -4.42 -18.33 7.68
N LYS B 137 -4.00 -17.65 8.76
CA LYS B 137 -4.51 -16.36 9.11
C LYS B 137 -3.46 -15.27 8.82
N PRO B 138 -3.94 -14.08 8.58
CA PRO B 138 -2.96 -13.03 8.35
C PRO B 138 -2.33 -12.53 9.63
N GLN B 139 -1.51 -11.49 9.53
CA GLN B 139 -0.91 -10.91 10.69
C GLN B 139 -2.01 -10.51 11.64
N VAL B 140 -1.67 -10.47 12.93
CA VAL B 140 -2.67 -10.20 13.95
C VAL B 140 -3.50 -8.96 13.68
N ALA B 141 -2.88 -7.84 13.30
CA ALA B 141 -3.70 -6.62 13.10
C ALA B 141 -4.64 -6.68 11.94
N TYR B 142 -4.52 -7.72 11.08
CA TYR B 142 -5.41 -7.92 9.99
C TYR B 142 -6.48 -9.04 10.27
N ASP B 143 -6.54 -9.44 11.52
CA ASP B 143 -7.52 -10.42 12.04
C ASP B 143 -8.09 -9.78 13.31
N PHE B 144 -9.25 -9.11 13.17
CA PHE B 144 -9.76 -8.24 14.23
C PHE B 144 -10.10 -9.02 15.52
N GLU B 145 -10.49 -10.29 15.36
CA GLU B 145 -10.79 -11.05 16.56
C GLU B 145 -9.50 -11.39 17.29
N ALA B 146 -8.43 -11.72 16.57
CA ALA B 146 -7.16 -11.94 17.22
C ALA B 146 -6.62 -10.68 17.86
N MET B 147 -6.78 -9.53 17.18
CA MET B 147 -6.31 -8.28 17.77
C MET B 147 -7.00 -7.97 19.11
N ARG B 148 -8.33 -8.20 19.15
CA ARG B 148 -9.17 -7.97 20.34
C ARG B 148 -8.59 -8.86 21.50
N THR B 149 -8.29 -10.10 21.19
CA THR B 149 -7.64 -11.03 22.19
C THR B 149 -6.32 -10.63 22.69
N TYR B 150 -5.43 -10.26 21.77
CA TYR B 150 -4.17 -9.80 22.21
C TYR B 150 -4.32 -8.62 23.14
N LEU B 151 -5.15 -7.63 22.77
CA LEU B 151 -5.28 -6.44 23.58
C LEU B 151 -5.93 -6.73 24.92
N GLN B 152 -6.92 -7.61 24.92
CA GLN B 152 -7.53 -7.97 26.20
C GLN B 152 -6.51 -8.59 27.14
N GLN B 153 -5.73 -9.51 26.63
CA GLN B 153 -4.76 -10.28 27.44
C GLN B 153 -3.59 -9.39 27.86
N VAL B 154 -3.10 -8.50 26.97
CA VAL B 154 -2.05 -7.61 27.38
C VAL B 154 -2.52 -6.55 28.36
N SER B 155 -3.71 -5.99 28.14
CA SER B 155 -4.26 -5.00 29.03
C SER B 155 -4.35 -5.61 30.45
N LEU B 156 -4.84 -6.85 30.54
CA LEU B 156 -4.98 -7.47 31.87
C LEU B 156 -3.64 -7.79 32.54
N ALA B 157 -2.71 -8.29 31.73
CA ALA B 157 -1.34 -8.69 32.18
C ALA B 157 -0.51 -7.49 32.57
N TYR B 158 -0.63 -6.38 31.81
CA TYR B 158 0.24 -5.25 32.00
C TYR B 158 -0.33 -4.20 32.97
N GLY B 159 -1.59 -3.82 32.76
CA GLY B 159 -2.27 -2.96 33.69
C GLY B 159 -1.98 -1.48 33.67
N LEU B 160 -1.10 -1.04 32.75
CA LEU B 160 -0.67 0.35 32.67
C LEU B 160 -0.90 0.88 31.25
N PRO B 161 -0.85 2.21 31.06
CA PRO B 161 -0.97 2.78 29.68
C PRO B 161 0.07 2.21 28.74
N PHE B 162 -0.36 1.91 27.53
CA PHE B 162 0.58 1.41 26.49
C PHE B 162 0.08 1.84 25.14
N GLY B 163 0.89 1.59 24.15
CA GLY B 163 0.49 1.84 22.77
C GLY B 163 0.68 0.67 21.88
N VAL B 164 0.15 0.83 20.67
CA VAL B 164 0.22 -0.19 19.69
C VAL B 164 0.73 0.30 18.34
N LYS B 165 1.57 -0.52 17.71
CA LYS B 165 2.11 -0.25 16.37
C LYS B 165 1.24 -0.99 15.36
N MET B 166 0.63 -0.25 14.42
CA MET B 166 -0.34 -0.79 13.46
C MET B 166 0.27 -0.89 12.07
N PRO B 167 -0.07 -1.92 11.29
CA PRO B 167 0.11 -1.93 9.86
C PRO B 167 -0.85 -0.98 9.18
N PRO B 168 -0.55 -0.58 7.91
CA PRO B 168 -1.53 0.24 7.18
C PRO B 168 -2.78 -0.55 6.80
N TYR B 169 -3.88 0.17 6.80
CA TYR B 169 -5.13 -0.28 6.19
C TYR B 169 -5.45 0.57 4.94
N PHE B 170 -6.30 0.01 4.08
CA PHE B 170 -6.55 0.55 2.71
C PHE B 170 -8.00 0.66 2.35
N ASP B 171 -8.83 0.42 3.36
CA ASP B 171 -10.30 0.32 3.14
C ASP B 171 -10.99 1.00 4.32
N ILE B 172 -12.00 1.83 4.03
CA ILE B 172 -12.62 2.68 5.07
C ILE B 172 -13.35 1.76 6.11
N ALA B 173 -13.93 0.67 5.65
CA ALA B 173 -14.54 -0.27 6.60
C ALA B 173 -13.53 -0.84 7.55
N HIS B 174 -12.29 -1.11 7.06
CA HIS B 174 -11.25 -1.59 7.92
C HIS B 174 -10.82 -0.53 8.94
N PHE B 175 -10.66 0.74 8.54
CA PHE B 175 -10.39 1.78 9.51
C PHE B 175 -11.49 1.77 10.62
N ASP B 176 -12.76 1.64 10.20
CA ASP B 176 -13.88 1.73 11.18
C ASP B 176 -13.81 0.54 12.17
N THR B 177 -13.49 -0.63 11.67
CA THR B 177 -13.44 -1.83 12.52
C THR B 177 -12.21 -1.79 13.41
N ALA B 178 -11.05 -1.39 12.85
CA ALA B 178 -9.85 -1.44 13.64
C ALA B 178 -9.92 -0.44 14.73
N ALA B 179 -10.39 0.81 14.42
CA ALA B 179 -10.48 1.83 15.46
C ALA B 179 -11.45 1.46 16.58
N ALA B 180 -12.52 0.81 16.20
CA ALA B 180 -13.54 0.33 17.19
C ALA B 180 -12.93 -0.71 18.09
N VAL B 181 -12.14 -1.60 17.56
CA VAL B 181 -11.39 -2.51 18.45
C VAL B 181 -10.52 -1.76 19.42
N LEU B 182 -9.66 -0.86 18.90
CA LEU B 182 -8.79 -0.17 19.78
C LEU B 182 -9.49 0.65 20.86
N ASN B 183 -10.63 1.25 20.52
CA ASN B 183 -11.37 2.07 21.47
C ASN B 183 -12.10 1.23 22.55
N GLU B 184 -12.03 -0.07 22.44
CA GLU B 184 -12.49 -1.00 23.51
C GLU B 184 -11.54 -1.01 24.67
N PHE B 185 -10.29 -0.54 24.47
CA PHE B 185 -9.20 -0.67 25.44
C PHE B 185 -8.70 0.64 25.97
N PRO B 186 -9.20 1.07 27.10
CA PRO B 186 -8.76 2.35 27.63
C PRO B 186 -7.29 2.49 27.97
N LEU B 187 -6.60 1.39 28.18
CA LEU B 187 -5.15 1.49 28.45
C LEU B 187 -4.37 1.72 27.16
N VAL B 188 -4.98 1.55 25.97
CA VAL B 188 -4.24 1.85 24.71
C VAL B 188 -4.31 3.36 24.57
N LYS B 189 -3.23 4.05 24.90
CA LYS B 189 -3.20 5.50 24.96
C LYS B 189 -2.56 6.11 23.70
N PHE B 190 -1.86 5.31 22.92
CA PHE B 190 -1.29 5.83 21.65
C PHE B 190 -1.32 4.74 20.61
N VAL B 191 -1.46 5.15 19.35
CA VAL B 191 -1.54 4.30 18.22
C VAL B 191 -0.43 4.80 17.27
N THR B 192 0.47 3.93 16.86
CA THR B 192 1.52 4.39 15.92
C THR B 192 1.11 3.85 14.54
N CYS B 193 0.94 4.78 13.61
CA CYS B 193 0.51 4.52 12.23
C CYS B 193 1.60 5.09 11.31
N VAL B 194 2.42 4.31 10.56
CA VAL B 194 2.25 2.95 10.24
C VAL B 194 3.52 2.15 10.24
N ASN B 195 3.33 0.82 10.45
CA ASN B 195 4.39 -0.11 10.03
C ASN B 195 4.57 -0.15 8.49
N SER B 196 5.60 -0.86 8.02
CA SER B 196 5.86 -0.99 6.59
C SER B 196 4.69 -1.50 5.80
N VAL B 197 4.57 -1.06 4.59
CA VAL B 197 3.52 -1.55 3.69
C VAL B 197 3.91 -2.98 3.23
N GLY B 198 3.14 -3.99 3.62
CA GLY B 198 3.55 -5.33 3.56
C GLY B 198 3.71 -5.91 2.17
N ASN B 199 4.71 -6.77 2.07
CA ASN B 199 4.95 -7.64 0.92
C ASN B 199 4.90 -6.93 -0.41
N GLY B 200 5.72 -5.88 -0.53
CA GLY B 200 6.08 -5.37 -1.86
C GLY B 200 7.26 -6.20 -2.44
N LEU B 201 7.66 -5.86 -3.62
CA LEU B 201 8.70 -6.64 -4.37
C LEU B 201 9.46 -5.69 -5.18
N VAL B 202 10.77 -5.57 -4.89
CA VAL B 202 11.66 -4.72 -5.69
C VAL B 202 12.52 -5.64 -6.54
N ILE B 203 12.59 -5.32 -7.84
CA ILE B 203 13.34 -6.10 -8.83
C ILE B 203 14.36 -5.15 -9.49
N ASP B 204 15.59 -5.60 -9.57
CA ASP B 204 16.67 -4.92 -10.33
C ASP B 204 16.62 -5.29 -11.82
N ALA B 205 16.47 -4.30 -12.68
CA ALA B 205 16.44 -4.57 -14.12
C ALA B 205 17.74 -5.14 -14.65
N GLU B 206 18.88 -4.65 -14.20
CA GLU B 206 20.12 -5.14 -14.77
C GLU B 206 20.37 -6.62 -14.53
N SER B 207 20.18 -7.04 -13.27
CA SER B 207 20.44 -8.35 -12.90
C SER B 207 19.25 -9.28 -13.08
N GLU B 208 18.09 -8.67 -13.34
CA GLU B 208 16.81 -9.41 -13.46
C GLU B 208 16.49 -10.20 -12.20
N SER B 209 16.82 -9.68 -10.99
CA SER B 209 16.75 -10.40 -9.75
C SER B 209 16.04 -9.55 -8.72
N VAL B 210 15.32 -10.18 -7.81
CA VAL B 210 14.95 -9.54 -6.60
C VAL B 210 16.19 -9.11 -5.78
N VAL B 211 15.98 -8.20 -4.82
CA VAL B 211 17.14 -7.54 -4.13
C VAL B 211 17.34 -7.95 -2.68
N ILE B 212 16.36 -8.64 -2.12
CA ILE B 212 16.51 -9.32 -0.84
C ILE B 212 16.27 -10.83 -0.95
N LYS B 213 16.97 -11.55 -0.07
CA LYS B 213 17.02 -13.01 -0.15
C LYS B 213 15.77 -13.70 0.48
N PRO B 214 15.29 -13.24 1.64
CA PRO B 214 14.15 -13.97 2.21
C PRO B 214 12.86 -13.84 1.38
N LYS B 215 11.96 -14.82 1.56
CA LYS B 215 10.63 -14.74 0.99
C LYS B 215 10.60 -14.43 -0.51
N GLN B 216 11.55 -14.95 -1.28
CA GLN B 216 11.60 -14.76 -2.73
C GLN B 216 11.60 -13.27 -3.12
N GLY B 217 12.09 -12.45 -2.20
CA GLY B 217 12.30 -11.05 -2.46
C GLY B 217 11.20 -10.15 -1.91
N PHE B 218 10.16 -10.75 -1.36
CA PHE B 218 9.04 -10.02 -0.84
C PHE B 218 9.37 -9.41 0.55
N GLY B 219 9.00 -8.14 0.79
CA GLY B 219 9.22 -7.54 2.10
C GLY B 219 8.49 -6.24 2.28
N GLY B 220 8.60 -5.69 3.48
CA GLY B 220 7.87 -4.47 3.79
C GLY B 220 8.55 -3.27 3.20
N LEU B 221 7.72 -2.36 2.70
CA LEU B 221 8.15 -1.09 2.09
C LEU B 221 8.10 0.02 3.12
N GLY B 222 9.12 0.86 3.03
CA GLY B 222 9.16 2.09 3.73
C GLY B 222 9.68 3.24 2.85
N GLY B 223 9.62 4.45 3.43
CA GLY B 223 10.14 5.59 2.74
C GLY B 223 9.15 6.33 1.85
N LYS B 224 9.63 7.04 0.81
CA LYS B 224 8.78 7.89 -0.01
C LYS B 224 7.60 7.17 -0.63
N TYR B 225 7.73 5.91 -0.94
CA TYR B 225 6.62 5.13 -1.46
C TYR B 225 5.37 5.23 -0.57
N ILE B 226 5.56 5.39 0.76
CA ILE B 226 4.47 5.14 1.64
C ILE B 226 3.87 6.37 2.38
N LEU B 227 4.37 7.55 2.07
CA LEU B 227 3.92 8.76 2.75
C LEU B 227 2.40 9.00 2.68
N PRO B 228 1.79 8.92 1.48
CA PRO B 228 0.33 9.18 1.47
C PRO B 228 -0.51 8.10 2.23
N THR B 229 -0.02 6.88 2.21
CA THR B 229 -0.63 5.77 2.97
C THR B 229 -0.48 6.10 4.44
N ALA B 230 0.68 6.50 4.86
CA ALA B 230 0.92 6.80 6.29
C ALA B 230 0.08 7.96 6.77
N LEU B 231 0.01 9.08 5.99
CA LEU B 231 -0.86 10.16 6.31
C LEU B 231 -2.33 9.79 6.42
N ALA B 232 -2.79 8.92 5.55
CA ALA B 232 -4.21 8.48 5.56
C ALA B 232 -4.48 7.72 6.82
N ASN B 233 -3.56 6.84 7.23
CA ASN B 233 -3.82 6.09 8.41
C ASN B 233 -3.72 6.93 9.69
N VAL B 234 -2.74 7.80 9.75
CA VAL B 234 -2.64 8.75 10.85
C VAL B 234 -4.00 9.52 10.98
N ASN B 235 -4.48 10.10 9.89
CA ASN B 235 -5.66 10.93 10.01
C ASN B 235 -6.90 10.07 10.32
N ALA B 236 -6.99 8.89 9.69
CA ALA B 236 -8.14 8.03 9.92
C ALA B 236 -8.28 7.71 11.41
N PHE B 237 -7.16 7.35 12.05
CA PHE B 237 -7.20 6.98 13.47
C PHE B 237 -7.31 8.20 14.33
N TYR B 238 -6.75 9.33 13.90
CA TYR B 238 -6.86 10.58 14.68
C TYR B 238 -8.34 10.93 14.79
N ARG B 239 -9.03 10.80 13.67
CA ARG B 239 -10.46 11.10 13.60
C ARG B 239 -11.28 10.12 14.47
N ARG B 240 -10.89 8.89 14.46
CA ARG B 240 -11.69 7.81 15.09
C ARG B 240 -11.39 7.58 16.55
N CYS B 241 -10.29 8.09 17.03
CA CYS B 241 -9.77 7.77 18.39
C CYS B 241 -9.51 9.05 19.14
N PRO B 242 -10.58 9.81 19.46
CA PRO B 242 -10.34 11.08 20.08
C PRO B 242 -9.75 11.05 21.45
N ASP B 243 -9.85 9.96 22.20
CA ASP B 243 -9.24 9.83 23.51
C ASP B 243 -7.82 9.19 23.52
N LYS B 244 -7.25 9.00 22.34
CA LYS B 244 -5.94 8.47 22.24
C LYS B 244 -5.04 9.47 21.50
N LEU B 245 -3.75 9.25 21.62
CA LEU B 245 -2.73 9.95 20.81
C LEU B 245 -2.48 9.10 19.58
N VAL B 246 -2.03 9.76 18.48
CA VAL B 246 -1.59 9.05 17.28
C VAL B 246 -0.16 9.49 17.04
N PHE B 247 0.70 8.51 16.87
CA PHE B 247 2.13 8.74 16.49
C PHE B 247 2.23 8.46 15.00
N GLY B 248 2.87 9.34 14.19
CA GLY B 248 2.95 9.09 12.79
C GLY B 248 4.28 8.46 12.45
N CYS B 249 4.28 7.52 11.52
CA CYS B 249 5.45 6.91 10.99
C CYS B 249 5.22 6.60 9.56
N GLY B 250 6.16 6.97 8.70
CA GLY B 250 6.12 6.54 7.30
C GLY B 250 6.45 7.69 6.39
N GLY B 251 7.57 7.59 5.69
CA GLY B 251 7.90 8.52 4.65
C GLY B 251 8.42 9.85 5.08
N VAL B 252 8.90 9.98 6.34
CA VAL B 252 9.44 11.26 6.79
C VAL B 252 10.87 11.37 6.36
N TYR B 253 11.18 12.34 5.49
CA TYR B 253 12.56 12.66 5.11
C TYR B 253 12.89 14.15 5.36
N SER B 254 11.93 14.97 5.72
CA SER B 254 12.10 16.44 5.84
C SER B 254 11.15 16.93 6.89
N GLY B 255 11.43 18.13 7.33
CA GLY B 255 10.54 18.88 8.21
C GLY B 255 9.16 19.07 7.56
N GLU B 256 9.10 19.23 6.25
CA GLU B 256 7.82 19.35 5.54
C GLU B 256 6.99 18.07 5.74
N ASP B 257 7.64 16.93 5.56
CA ASP B 257 6.93 15.67 5.72
C ASP B 257 6.44 15.50 7.16
N ALA B 258 7.29 15.88 8.14
CA ALA B 258 6.90 15.87 9.56
C ALA B 258 5.67 16.77 9.81
N PHE B 259 5.71 17.95 9.17
CA PHE B 259 4.64 18.93 9.22
C PHE B 259 3.28 18.37 8.74
N LEU B 260 3.36 17.57 7.65
CA LEU B 260 2.19 16.93 7.09
C LEU B 260 1.66 15.86 8.05
N HIS B 261 2.56 15.09 8.66
CA HIS B 261 2.10 14.12 9.63
C HIS B 261 1.36 14.79 10.82
N ILE B 262 1.92 15.89 11.32
CA ILE B 262 1.36 16.62 12.43
C ILE B 262 0.00 17.26 12.05
N LEU B 263 -0.10 17.79 10.83
CA LEU B 263 -1.39 18.30 10.34
C LEU B 263 -2.44 17.22 10.27
N ALA B 264 -2.01 15.98 9.92
CA ALA B 264 -2.89 14.83 9.91
C ALA B 264 -3.32 14.37 11.23
N GLY B 265 -2.59 14.78 12.28
CA GLY B 265 -2.95 14.40 13.66
C GLY B 265 -1.81 13.84 14.55
N ALA B 266 -0.61 13.69 14.02
CA ALA B 266 0.48 13.04 14.76
C ALA B 266 0.95 13.88 15.93
N SER B 267 1.13 13.20 17.06
CA SER B 267 1.73 13.82 18.30
C SER B 267 3.23 13.63 18.26
N MET B 268 3.72 12.44 18.06
CA MET B 268 5.16 12.17 17.81
C MET B 268 5.27 11.74 16.34
N VAL B 269 6.48 11.89 15.74
CA VAL B 269 6.75 11.54 14.37
C VAL B 269 8.04 10.67 14.42
N GLN B 270 7.91 9.48 13.86
CA GLN B 270 8.93 8.48 13.91
C GLN B 270 9.59 8.50 12.52
N VAL B 271 10.90 8.19 12.49
CA VAL B 271 11.69 8.20 11.27
C VAL B 271 12.45 6.84 11.07
N GLY B 272 12.11 6.08 10.03
CA GLY B 272 12.64 4.76 9.74
C GLY B 272 13.71 4.84 8.68
N THR B 273 13.25 4.62 7.45
CA THR B 273 14.11 4.56 6.29
C THR B 273 15.08 5.75 6.20
N ALA B 274 14.56 6.97 6.35
CA ALA B 274 15.48 8.08 6.10
C ALA B 274 16.58 8.19 7.20
N LEU B 275 16.26 7.69 8.39
CA LEU B 275 17.23 7.59 9.52
C LEU B 275 18.27 6.48 9.21
N GLN B 276 17.80 5.39 8.68
CA GLN B 276 18.69 4.28 8.26
C GLN B 276 19.63 4.81 7.19
N GLU B 277 19.18 5.66 6.28
CA GLU B 277 19.98 6.13 5.23
C GLU B 277 20.88 7.27 5.55
N GLU B 278 20.44 8.21 6.38
CA GLU B 278 21.14 9.45 6.65
C GLU B 278 21.92 9.43 7.94
N GLY B 279 21.51 8.60 8.89
CA GLY B 279 22.08 8.55 10.17
C GLY B 279 21.46 9.55 11.12
N PRO B 280 21.88 9.55 12.40
CA PRO B 280 21.17 10.30 13.46
C PRO B 280 21.29 11.81 13.41
N GLY B 281 22.21 12.29 12.56
CA GLY B 281 22.22 13.70 12.27
C GLY B 281 20.98 14.22 11.61
N ILE B 282 20.15 13.32 11.03
CA ILE B 282 18.90 13.72 10.46
C ILE B 282 18.03 14.51 11.48
N PHE B 283 18.14 14.22 12.79
CA PHE B 283 17.25 14.82 13.77
C PHE B 283 17.46 16.29 13.90
N THR B 284 18.67 16.78 13.74
CA THR B 284 18.85 18.19 13.85
C THR B 284 18.29 18.91 12.64
N ARG B 285 18.45 18.31 11.45
CA ARG B 285 17.91 18.85 10.22
C ARG B 285 16.39 18.86 10.27
N LEU B 286 15.73 17.80 10.72
CA LEU B 286 14.31 17.79 10.77
C LEU B 286 13.72 18.84 11.72
N GLU B 287 14.34 19.03 12.86
CA GLU B 287 13.95 20.06 13.83
C GLU B 287 14.05 21.42 13.21
N ASP B 288 15.19 21.71 12.54
CA ASP B 288 15.42 23.01 11.96
C ASP B 288 14.35 23.28 10.90
N GLU B 289 14.14 22.27 10.04
CA GLU B 289 13.22 22.41 8.94
C GLU B 289 11.79 22.63 9.46
N LEU B 290 11.41 21.87 10.47
CA LEU B 290 10.02 22.00 11.00
C LEU B 290 9.84 23.41 11.59
N LEU B 291 10.86 23.88 12.35
CA LEU B 291 10.76 25.20 12.99
C LEU B 291 10.73 26.28 11.92
N GLU B 292 11.44 26.09 10.79
CA GLU B 292 11.41 27.07 9.68
C GLU B 292 10.04 27.19 9.05
N ILE B 293 9.42 26.06 8.76
CA ILE B 293 8.02 26.03 8.24
C ILE B 293 7.02 26.67 9.21
N MET B 294 7.17 26.37 10.50
CA MET B 294 6.31 26.99 11.55
C MET B 294 6.52 28.52 11.52
N ALA B 295 7.76 28.93 11.49
CA ALA B 295 8.05 30.40 11.50
C ALA B 295 7.44 31.08 10.28
N ARG B 296 7.58 30.50 9.10
CA ARG B 296 7.02 31.13 7.89
C ARG B 296 5.51 31.24 7.99
N LYS B 297 4.87 30.27 8.61
CA LYS B 297 3.42 30.24 8.77
C LYS B 297 2.88 31.03 9.98
N GLY B 298 3.74 31.44 10.92
CA GLY B 298 3.33 32.13 12.12
C GLY B 298 2.84 31.19 13.21
N TYR B 299 3.21 29.90 13.13
CA TYR B 299 2.81 29.01 14.18
C TYR B 299 3.89 28.99 15.28
N ARG B 300 3.47 29.13 16.52
CA ARG B 300 4.37 29.08 17.66
C ARG B 300 4.39 27.71 18.38
N THR B 301 3.37 26.89 18.24
CA THR B 301 3.21 25.62 18.93
C THR B 301 2.78 24.57 17.89
N LEU B 302 3.07 23.33 18.21
CA LEU B 302 2.50 22.22 17.47
C LEU B 302 1.03 22.06 17.64
N GLU B 303 0.49 22.40 18.84
CA GLU B 303 -0.93 22.27 19.12
C GLU B 303 -1.77 23.13 18.21
N GLU B 304 -1.20 24.21 17.69
CA GLU B 304 -1.90 25.17 16.84
C GLU B 304 -2.34 24.58 15.54
N PHE B 305 -1.59 23.58 15.08
CA PHE B 305 -1.92 22.96 13.80
C PHE B 305 -2.11 21.44 13.82
N ARG B 306 -1.91 20.77 14.96
CA ARG B 306 -2.00 19.31 14.93
C ARG B 306 -3.44 18.91 14.63
N GLY B 307 -3.62 18.07 13.61
CA GLY B 307 -4.91 17.59 13.25
C GLY B 307 -5.77 18.58 12.51
N ARG B 308 -5.20 19.67 12.13
CA ARG B 308 -5.97 20.71 11.48
C ARG B 308 -5.87 20.77 9.99
N VAL B 309 -5.54 19.64 9.37
CA VAL B 309 -5.66 19.51 7.93
C VAL B 309 -7.02 19.97 7.48
N LYS B 310 -7.03 20.77 6.47
CA LYS B 310 -8.28 21.23 5.86
C LYS B 310 -8.85 20.34 4.80
N THR B 311 -10.18 20.21 4.78
CA THR B 311 -10.87 19.45 3.73
C THR B 311 -11.49 20.45 2.80
N ILE B 312 -11.97 19.99 1.67
CA ILE B 312 -12.53 20.87 0.64
C ILE B 312 -14.03 20.76 0.73
N GLU B 313 -14.71 21.89 0.95
CA GLU B 313 -16.16 21.92 1.13
C GLU B 313 -16.68 20.72 1.93
#